data_1FQT
#
_entry.id   1FQT
#
_cell.length_a   76.400
_cell.length_b   53.100
_cell.length_c   64.700
_cell.angle_alpha   90.00
_cell.angle_beta   90.00
_cell.angle_gamma   90.00
#
_symmetry.space_group_name_H-M   'P 21 21 2'
#
loop_
_entity.id
_entity.type
_entity.pdbx_description
1 polymer 'RIESKE-TYPE FERREDOXIN OF BIPHENYL DIOXYGENASE'
2 non-polymer 'FE2/S2 (INORGANIC) CLUSTER'
3 non-polymer GLYCEROL
4 water water
#
_entity_poly.entity_id   1
_entity_poly.type   'polypeptide(L)'
_entity_poly.pdbx_seq_one_letter_code
;GSHMKFTRVCDRRDVPEGEALKVESGGTSVAIFNVDGELFATQDRCTHGDWSLSDGGYLEGDVVECSLHMGKFCVRTGKV
KSPPPCEALKIFPIRIEDNDVLVDFEAGYLAP
;
_entity_poly.pdbx_strand_id   A,B
#
loop_
_chem_comp.id
_chem_comp.type
_chem_comp.name
_chem_comp.formula
FES non-polymer 'FE2/S2 (INORGANIC) CLUSTER' 'Fe2 S2'
GOL non-polymer GLYCEROL 'C3 H8 O3'
#
# COMPACT_ATOMS: atom_id res chain seq x y z
N MET A 4 -5.14 -17.09 6.29
CA MET A 4 -4.97 -17.70 7.64
C MET A 4 -6.15 -17.47 8.59
N LYS A 5 -6.87 -16.35 8.47
CA LYS A 5 -8.00 -16.09 9.37
C LYS A 5 -9.28 -15.51 8.75
N PHE A 6 -10.16 -16.38 8.23
CA PHE A 6 -11.39 -15.92 7.61
C PHE A 6 -12.58 -15.73 8.55
N THR A 7 -13.27 -14.62 8.35
CA THR A 7 -14.44 -14.25 9.13
C THR A 7 -15.69 -14.28 8.24
N ARG A 8 -16.75 -14.94 8.70
CA ARG A 8 -17.96 -15.02 7.92
C ARG A 8 -18.63 -13.65 8.01
N VAL A 9 -18.86 -12.99 6.87
CA VAL A 9 -19.44 -11.66 6.87
C VAL A 9 -20.86 -11.43 6.34
N CYS A 10 -21.35 -12.31 5.47
CA CYS A 10 -22.68 -12.17 4.90
C CYS A 10 -23.02 -13.39 4.06
N ASP A 11 -24.20 -13.37 3.49
CA ASP A 11 -24.63 -14.45 2.61
C ASP A 11 -24.30 -13.90 1.23
N ARG A 12 -23.88 -14.77 0.31
CA ARG A 12 -23.54 -14.33 -1.04
C ARG A 12 -24.71 -13.62 -1.72
N ARG A 13 -25.94 -13.99 -1.36
CA ARG A 13 -27.11 -13.36 -1.95
C ARG A 13 -27.38 -11.94 -1.44
N ASP A 14 -26.61 -11.52 -0.43
CA ASP A 14 -26.72 -10.19 0.15
C ASP A 14 -26.03 -9.12 -0.72
N VAL A 15 -25.29 -9.57 -1.73
CA VAL A 15 -24.59 -8.67 -2.64
C VAL A 15 -25.02 -9.04 -4.06
N PRO A 16 -26.11 -8.44 -4.55
CA PRO A 16 -26.64 -8.70 -5.90
C PRO A 16 -25.69 -8.18 -6.96
N GLU A 17 -25.80 -8.75 -8.15
CA GLU A 17 -24.95 -8.36 -9.27
C GLU A 17 -25.03 -6.85 -9.48
N GLY A 18 -23.86 -6.22 -9.61
CA GLY A 18 -23.82 -4.79 -9.82
C GLY A 18 -23.93 -3.92 -8.58
N GLU A 19 -24.01 -4.57 -7.41
CA GLU A 19 -24.12 -3.85 -6.15
C GLU A 19 -22.91 -4.05 -5.25
N ALA A 20 -22.88 -3.29 -4.17
CA ALA A 20 -21.80 -3.38 -3.18
C ALA A 20 -22.38 -3.49 -1.79
N LEU A 21 -21.59 -4.03 -0.87
CA LEU A 21 -22.00 -4.18 0.52
C LEU A 21 -20.81 -3.91 1.42
N LYS A 22 -21.00 -3.08 2.45
CA LYS A 22 -19.92 -2.80 3.39
C LYS A 22 -19.97 -3.82 4.52
N VAL A 23 -18.82 -4.40 4.86
CA VAL A 23 -18.76 -5.33 6.00
C VAL A 23 -17.61 -4.88 6.88
N GLU A 24 -17.74 -5.05 8.19
CA GLU A 24 -16.64 -4.62 9.04
C GLU A 24 -16.36 -5.54 10.22
N SER A 25 -15.11 -5.54 10.65
CA SER A 25 -14.66 -6.34 11.77
C SER A 25 -13.38 -5.80 12.37
N GLY A 26 -13.32 -5.69 13.69
CA GLY A 26 -12.13 -5.20 14.35
C GLY A 26 -11.72 -3.80 13.97
N GLY A 27 -12.67 -3.01 13.49
CA GLY A 27 -12.37 -1.65 13.07
C GLY A 27 -11.88 -1.56 11.63
N THR A 28 -11.93 -2.67 10.91
CA THR A 28 -11.51 -2.68 9.51
C THR A 28 -12.76 -2.77 8.65
N SER A 29 -12.90 -1.84 7.70
CA SER A 29 -14.06 -1.80 6.82
C SER A 29 -13.69 -2.29 5.42
N VAL A 30 -14.49 -3.21 4.90
CA VAL A 30 -14.26 -3.79 3.58
C VAL A 30 -15.50 -3.66 2.69
N ALA A 31 -15.30 -3.29 1.43
CA ALA A 31 -16.40 -3.21 0.49
C ALA A 31 -16.37 -4.48 -0.35
N ILE A 32 -17.52 -5.12 -0.50
CA ILE A 32 -17.64 -6.33 -1.32
C ILE A 32 -18.50 -5.93 -2.52
N PHE A 33 -17.99 -6.18 -3.72
CA PHE A 33 -18.68 -5.85 -4.97
C PHE A 33 -18.99 -7.12 -5.73
N ASN A 34 -20.18 -7.18 -6.33
CA ASN A 34 -20.54 -8.34 -7.14
C ASN A 34 -20.42 -7.92 -8.61
N VAL A 35 -19.42 -8.45 -9.30
CA VAL A 35 -19.23 -8.17 -10.72
C VAL A 35 -19.57 -9.45 -11.49
N ASP A 36 -20.71 -9.42 -12.20
CA ASP A 36 -21.14 -10.56 -13.00
C ASP A 36 -21.18 -11.91 -12.27
N GLY A 37 -21.62 -11.90 -11.02
CA GLY A 37 -21.73 -13.15 -10.28
C GLY A 37 -20.55 -13.55 -9.41
N GLU A 38 -19.45 -12.81 -9.49
CA GLU A 38 -18.29 -13.11 -8.66
C GLU A 38 -18.07 -11.95 -7.71
N LEU A 39 -17.61 -12.25 -6.51
CA LEU A 39 -17.39 -11.22 -5.50
C LEU A 39 -15.94 -10.80 -5.37
N PHE A 40 -15.74 -9.50 -5.15
CA PHE A 40 -14.42 -8.91 -5.00
C PHE A 40 -14.41 -8.00 -3.78
N ALA A 41 -13.34 -8.06 -3.01
CA ALA A 41 -13.25 -7.26 -1.79
C ALA A 41 -12.12 -6.25 -1.82
N THR A 42 -12.41 -5.03 -1.38
CA THR A 42 -11.40 -3.98 -1.30
C THR A 42 -11.59 -3.23 0.00
N GLN A 43 -10.63 -2.38 0.35
CA GLN A 43 -10.81 -1.53 1.51
C GLN A 43 -12.05 -0.70 1.18
N ASP A 44 -12.87 -0.36 2.18
CA ASP A 44 -14.07 0.40 1.89
C ASP A 44 -13.85 1.86 1.57
N ARG A 45 -12.83 2.46 2.18
CA ARG A 45 -12.60 3.87 1.94
C ARG A 45 -11.80 4.19 0.70
N CYS A 46 -12.22 5.26 0.04
CA CYS A 46 -11.47 5.77 -1.10
C CYS A 46 -10.06 6.09 -0.56
N THR A 47 -9.02 5.94 -1.39
CA THR A 47 -7.68 6.24 -0.86
C THR A 47 -7.43 7.75 -0.80
N HIS A 48 -8.34 8.54 -1.36
CA HIS A 48 -8.20 10.00 -1.39
C HIS A 48 -8.99 10.70 -0.28
N GLY A 49 -9.68 9.94 0.57
CA GLY A 49 -10.43 10.56 1.64
C GLY A 49 -11.24 9.57 2.46
N ASP A 50 -11.70 10.01 3.64
CA ASP A 50 -12.51 9.13 4.49
C ASP A 50 -13.92 9.16 3.92
N TRP A 51 -14.10 8.38 2.87
CA TRP A 51 -15.37 8.36 2.15
C TRP A 51 -15.63 6.93 1.69
N SER A 52 -16.81 6.40 2.02
CA SER A 52 -17.13 5.02 1.65
C SER A 52 -17.43 4.75 0.19
N LEU A 53 -16.72 3.78 -0.39
CA LEU A 53 -16.96 3.41 -1.79
C LEU A 53 -18.22 2.56 -1.93
N SER A 54 -18.60 1.84 -0.86
CA SER A 54 -19.78 1.01 -0.95
C SER A 54 -21.05 1.85 -0.74
N ASP A 55 -21.04 2.74 0.26
N ASP A 55 -21.01 2.73 0.26
CA ASP A 55 -22.18 3.61 0.59
CA ASP A 55 -22.14 3.62 0.53
C ASP A 55 -22.51 4.68 -0.47
C ASP A 55 -22.08 4.73 -0.52
N GLY A 56 -21.66 4.81 -1.47
N GLY A 56 -20.95 5.41 -0.60
CA GLY A 56 -21.87 5.81 -2.52
CA GLY A 56 -20.74 6.49 -1.54
C GLY A 56 -22.82 5.35 -3.62
C GLY A 56 -19.91 6.17 -2.78
N GLY A 57 -22.83 4.04 -3.88
N GLY A 57 -20.39 5.18 -3.53
CA GLY A 57 -23.73 3.49 -4.88
CA GLY A 57 -19.69 4.78 -4.75
C GLY A 57 -23.38 3.65 -6.35
C GLY A 57 -20.67 4.39 -5.84
N TYR A 58 -22.10 3.85 -6.67
N TYR A 58 -20.26 4.58 -7.10
CA TYR A 58 -21.67 4.00 -8.07
CA TYR A 58 -21.09 4.23 -8.25
C TYR A 58 -20.70 2.92 -8.53
C TYR A 58 -20.40 3.06 -8.97
N LEU A 59 -21.22 1.84 -9.10
N LEU A 59 -21.02 1.88 -8.97
CA LEU A 59 -20.39 0.74 -9.63
C LEU A 59 -20.87 0.53 -11.06
N GLU A 60 -19.93 0.53 -12.00
CA GLU A 60 -20.23 0.30 -13.42
C GLU A 60 -19.31 -0.81 -13.88
N GLY A 61 -19.86 -2.00 -14.07
CA GLY A 61 -19.02 -3.11 -14.48
C GLY A 61 -18.10 -3.38 -13.29
N ASP A 62 -16.79 -3.36 -13.54
CA ASP A 62 -15.87 -3.60 -12.45
C ASP A 62 -15.16 -2.35 -11.97
N VAL A 63 -15.71 -1.18 -12.31
CA VAL A 63 -15.10 0.08 -11.89
C VAL A 63 -16.01 0.81 -10.89
N VAL A 64 -15.48 1.11 -9.71
CA VAL A 64 -16.27 1.83 -8.73
C VAL A 64 -15.86 3.30 -8.74
N GLU A 65 -16.85 4.18 -8.64
CA GLU A 65 -16.57 5.62 -8.64
C GLU A 65 -16.86 6.21 -7.25
N CYS A 66 -15.88 6.93 -6.72
CA CYS A 66 -16.04 7.61 -5.42
C CYS A 66 -16.98 8.80 -5.67
N SER A 67 -18.06 8.90 -4.91
CA SER A 67 -19.02 9.98 -5.13
C SER A 67 -18.60 11.34 -4.57
N LEU A 68 -17.47 11.40 -3.87
CA LEU A 68 -17.01 12.68 -3.33
C LEU A 68 -16.28 13.49 -4.41
N HIS A 69 -15.21 12.93 -5.00
CA HIS A 69 -14.51 13.67 -6.07
C HIS A 69 -14.40 12.92 -7.39
N MET A 70 -15.20 11.87 -7.57
CA MET A 70 -15.24 11.13 -8.83
C MET A 70 -14.03 10.30 -9.21
N GLY A 71 -13.17 10.00 -8.24
CA GLY A 71 -12.05 9.11 -8.54
C GLY A 71 -12.64 7.74 -8.85
N LYS A 72 -11.87 6.92 -9.55
CA LYS A 72 -12.36 5.59 -9.91
C LYS A 72 -11.30 4.53 -9.68
N PHE A 73 -11.76 3.33 -9.32
CA PHE A 73 -10.85 2.22 -9.08
C PHE A 73 -11.41 0.94 -9.68
N CYS A 74 -10.52 0.04 -10.11
CA CYS A 74 -10.94 -1.28 -10.57
C CYS A 74 -11.16 -2.11 -9.28
N VAL A 75 -12.35 -2.69 -9.10
CA VAL A 75 -12.59 -3.46 -7.88
C VAL A 75 -11.91 -4.84 -7.87
N ARG A 76 -11.50 -5.32 -9.03
CA ARG A 76 -10.83 -6.62 -9.09
C ARG A 76 -9.39 -6.52 -8.62
N THR A 77 -8.75 -5.38 -8.88
CA THR A 77 -7.35 -5.21 -8.54
C THR A 77 -7.06 -4.10 -7.55
N GLY A 78 -8.07 -3.26 -7.34
CA GLY A 78 -7.92 -2.11 -6.46
C GLY A 78 -7.20 -0.95 -7.16
N LYS A 79 -6.77 -1.14 -8.40
CA LYS A 79 -5.99 -0.09 -9.07
C LYS A 79 -6.76 1.15 -9.50
N VAL A 80 -6.08 2.29 -9.50
CA VAL A 80 -6.72 3.54 -9.87
C VAL A 80 -7.05 3.60 -11.36
N LYS A 81 -8.28 3.98 -11.67
CA LYS A 81 -8.70 4.15 -13.06
C LYS A 81 -8.87 5.63 -13.41
N SER A 82 -9.07 6.48 -12.40
CA SER A 82 -9.19 7.92 -12.64
C SER A 82 -8.82 8.68 -11.39
N PRO A 83 -8.15 9.84 -11.55
CA PRO A 83 -7.78 10.66 -10.41
C PRO A 83 -9.08 11.31 -9.96
N PRO A 84 -9.07 12.05 -8.85
CA PRO A 84 -7.98 12.45 -7.93
C PRO A 84 -7.10 11.41 -7.27
N PRO A 85 -7.62 10.22 -6.94
CA PRO A 85 -6.73 9.25 -6.30
C PRO A 85 -5.49 8.94 -7.11
N CYS A 86 -4.40 8.69 -6.38
CA CYS A 86 -3.15 8.29 -7.00
C CYS A 86 -2.66 6.97 -6.36
N GLU A 87 -3.37 6.49 -5.34
CA GLU A 87 -2.97 5.24 -4.66
C GLU A 87 -4.01 4.13 -4.83
N ALA A 88 -3.55 2.91 -5.13
CA ALA A 88 -4.47 1.78 -5.27
C ALA A 88 -5.07 1.37 -3.92
N LEU A 89 -6.27 0.82 -4.00
CA LEU A 89 -6.94 0.28 -2.82
C LEU A 89 -6.31 -1.06 -2.44
N LYS A 90 -6.31 -1.35 -1.14
CA LYS A 90 -5.89 -2.67 -0.70
C LYS A 90 -7.06 -3.59 -1.07
N ILE A 91 -6.74 -4.83 -1.42
CA ILE A 91 -7.76 -5.81 -1.72
C ILE A 91 -7.67 -6.87 -0.62
N PHE A 92 -8.75 -7.60 -0.39
CA PHE A 92 -8.80 -8.56 0.70
C PHE A 92 -9.19 -9.94 0.26
N PRO A 93 -8.61 -10.97 0.89
CA PRO A 93 -8.96 -12.34 0.50
C PRO A 93 -10.45 -12.55 0.78
N ILE A 94 -11.16 -13.09 -0.20
CA ILE A 94 -12.57 -13.34 -0.02
C ILE A 94 -12.89 -14.72 -0.60
N ARG A 95 -13.63 -15.53 0.15
CA ARG A 95 -14.00 -16.86 -0.31
C ARG A 95 -15.48 -17.10 -0.14
N ILE A 96 -16.03 -17.99 -0.95
CA ILE A 96 -17.43 -18.35 -0.87
C ILE A 96 -17.49 -19.83 -0.53
N GLU A 97 -18.23 -20.18 0.52
CA GLU A 97 -18.37 -21.56 0.94
C GLU A 97 -19.86 -21.77 1.17
N ASP A 98 -20.48 -22.47 0.24
CA ASP A 98 -21.92 -22.71 0.29
C ASP A 98 -22.52 -21.34 0.01
N ASN A 99 -23.33 -20.82 0.93
CA ASN A 99 -23.94 -19.51 0.73
C ASN A 99 -23.21 -18.46 1.56
N ASP A 100 -22.17 -18.88 2.28
CA ASP A 100 -21.41 -17.99 3.15
C ASP A 100 -20.25 -17.29 2.46
N VAL A 101 -20.12 -16.00 2.73
CA VAL A 101 -19.00 -15.20 2.21
C VAL A 101 -18.07 -14.97 3.38
N LEU A 102 -16.78 -15.25 3.21
CA LEU A 102 -15.81 -15.04 4.30
C LEU A 102 -14.70 -14.11 3.82
N VAL A 103 -14.23 -13.25 4.73
CA VAL A 103 -13.16 -12.29 4.41
C VAL A 103 -12.07 -12.38 5.48
N ASP A 104 -10.81 -12.31 5.07
CA ASP A 104 -9.73 -12.28 6.06
C ASP A 104 -9.39 -10.80 6.21
N PHE A 105 -9.96 -10.18 7.24
CA PHE A 105 -9.75 -8.76 7.54
C PHE A 105 -8.32 -8.40 7.91
N GLU A 106 -7.49 -9.39 8.24
CA GLU A 106 -6.12 -9.09 8.61
C GLU A 106 -5.13 -9.27 7.48
N ALA A 107 -5.64 -9.61 6.29
CA ALA A 107 -4.76 -9.87 5.15
C ALA A 107 -4.86 -8.91 3.98
N GLY A 108 -5.32 -7.69 4.22
CA GLY A 108 -5.40 -6.73 3.10
C GLY A 108 -4.03 -6.53 2.48
N TYR A 109 -3.98 -6.42 1.15
CA TYR A 109 -2.71 -6.22 0.46
C TYR A 109 -2.90 -5.49 -0.85
N LEU A 110 -1.80 -4.96 -1.38
CA LEU A 110 -1.92 -4.28 -2.67
C LEU A 110 -1.59 -5.31 -3.76
N ALA A 111 -2.35 -5.27 -4.84
CA ALA A 111 -2.11 -6.14 -5.99
C ALA A 111 -0.75 -5.79 -6.58
N PRO A 112 -0.05 -6.76 -7.18
CA PRO A 112 1.26 -6.51 -7.77
C PRO A 112 1.20 -5.33 -8.74
N MET B 4 5.31 -13.19 1.08
CA MET B 4 5.08 -11.72 1.06
C MET B 4 4.28 -11.32 -0.19
N LYS B 5 3.67 -10.14 -0.15
CA LYS B 5 2.86 -9.65 -1.26
C LYS B 5 3.54 -8.43 -1.84
N PHE B 6 4.28 -8.64 -2.90
CA PHE B 6 5.03 -7.56 -3.54
C PHE B 6 4.19 -6.76 -4.50
N THR B 7 4.37 -5.44 -4.50
CA THR B 7 3.66 -4.59 -5.42
C THR B 7 4.66 -3.71 -6.18
N ARG B 8 4.43 -3.49 -7.47
CA ARG B 8 5.33 -2.67 -8.28
C ARG B 8 5.21 -1.21 -7.83
N VAL B 9 6.34 -0.62 -7.47
CA VAL B 9 6.29 0.77 -7.01
C VAL B 9 6.96 1.79 -7.92
N CYS B 10 7.85 1.33 -8.79
CA CYS B 10 8.56 2.21 -9.72
C CYS B 10 9.37 1.39 -10.71
N ASP B 11 10.04 2.06 -11.63
CA ASP B 11 10.92 1.38 -12.58
C ASP B 11 12.33 1.54 -11.99
N ARG B 12 13.19 0.53 -12.16
CA ARG B 12 14.52 0.65 -11.57
C ARG B 12 15.28 1.83 -12.15
N ARG B 13 14.92 2.24 -13.36
CA ARG B 13 15.59 3.36 -13.98
C ARG B 13 15.16 4.70 -13.37
N ASP B 14 14.16 4.66 -12.49
CA ASP B 14 13.70 5.87 -11.79
C ASP B 14 14.61 6.17 -10.59
N VAL B 15 15.51 5.23 -10.26
CA VAL B 15 16.43 5.41 -9.13
C VAL B 15 17.85 5.15 -9.64
N PRO B 16 18.48 6.16 -10.22
CA PRO B 16 19.85 6.03 -10.75
C PRO B 16 20.86 5.80 -9.64
N GLU B 17 22.02 5.27 -10.00
CA GLU B 17 23.06 5.00 -9.01
C GLU B 17 23.33 6.24 -8.17
N GLY B 18 23.40 6.04 -6.85
CA GLY B 18 23.68 7.12 -5.93
C GLY B 18 22.53 8.03 -5.61
N GLU B 19 21.34 7.70 -6.11
CA GLU B 19 20.17 8.53 -5.86
C GLU B 19 19.13 7.77 -5.02
N ALA B 20 18.05 8.45 -4.67
CA ALA B 20 16.96 7.85 -3.88
C ALA B 20 15.61 8.30 -4.41
N LEU B 21 14.60 7.51 -4.10
CA LEU B 21 13.25 7.80 -4.52
C LEU B 21 12.29 7.38 -3.41
N LYS B 22 11.27 8.21 -3.14
CA LYS B 22 10.29 7.88 -2.14
C LYS B 22 9.06 7.26 -2.81
N VAL B 23 8.54 6.18 -2.24
CA VAL B 23 7.31 5.56 -2.72
C VAL B 23 6.42 5.40 -1.48
N GLU B 24 5.12 5.45 -1.65
CA GLU B 24 4.27 5.32 -0.47
C GLU B 24 2.91 4.75 -0.75
N SER B 25 2.32 4.20 0.30
CA SER B 25 0.97 3.65 0.23
C SER B 25 0.35 3.88 1.59
N GLY B 26 -0.71 4.69 1.61
CA GLY B 26 -1.42 5.01 2.85
C GLY B 26 -0.42 5.79 3.68
C GLY B 26 -0.78 5.10 4.21
N GLY B 27 -0.28 5.49 4.97
N GLY B 27 0.07 6.11 4.40
CA GLY B 27 0.67 6.25 5.75
CA GLY B 27 0.70 6.28 5.69
C GLY B 27 2.07 5.67 5.77
N THR B 28 2.33 4.69 4.90
CA THR B 28 3.66 4.05 4.89
C THR B 28 4.52 4.61 3.76
N SER B 29 5.60 5.30 4.14
CA SER B 29 6.51 5.88 3.15
C SER B 29 7.82 5.10 3.20
N VAL B 30 8.33 4.77 2.01
CA VAL B 30 9.57 3.99 1.87
C VAL B 30 10.57 4.71 0.97
N ALA B 31 11.83 4.75 1.40
CA ALA B 31 12.89 5.34 0.60
C ALA B 31 13.63 4.20 -0.11
N ILE B 32 13.84 4.35 -1.41
CA ILE B 32 14.57 3.34 -2.19
C ILE B 32 15.88 4.01 -2.59
N PHE B 33 17.00 3.36 -2.24
CA PHE B 33 18.32 3.90 -2.55
C PHE B 33 19.06 3.00 -3.52
N ASN B 34 19.81 3.60 -4.44
CA ASN B 34 20.58 2.82 -5.39
C ASN B 34 22.05 2.88 -4.99
N VAL B 35 22.57 1.77 -4.50
CA VAL B 35 23.98 1.69 -4.11
C VAL B 35 24.70 0.81 -5.13
N ASP B 36 25.50 1.44 -5.99
CA ASP B 36 26.25 0.72 -7.00
C ASP B 36 25.44 -0.29 -7.82
N GLY B 37 24.22 0.09 -8.18
CA GLY B 37 23.42 -0.80 -8.99
C GLY B 37 22.41 -1.68 -8.30
N GLU B 38 22.48 -1.77 -6.97
CA GLU B 38 21.53 -2.59 -6.24
C GLU B 38 20.64 -1.68 -5.43
N LEU B 39 19.37 -2.03 -5.33
CA LEU B 39 18.44 -1.17 -4.61
C LEU B 39 18.16 -1.66 -3.20
N PHE B 40 18.03 -0.71 -2.29
CA PHE B 40 17.75 -1.00 -0.88
C PHE B 40 16.61 -0.13 -0.42
N ALA B 41 15.69 -0.73 0.36
CA ALA B 41 14.52 -0.01 0.86
C ALA B 41 14.51 0.15 2.37
N THR B 42 14.24 1.38 2.83
CA THR B 42 14.12 1.64 4.26
C THR B 42 12.89 2.52 4.47
N GLN B 43 12.50 2.71 5.72
CA GLN B 43 11.41 3.65 5.97
C GLN B 43 11.97 5.00 5.46
N ASP B 44 11.09 5.89 4.95
CA ASP B 44 11.55 7.16 4.44
C ASP B 44 11.91 8.18 5.52
N ARG B 45 11.20 8.15 6.63
CA ARG B 45 11.45 9.09 7.72
C ARG B 45 12.60 8.76 8.63
N CYS B 46 13.37 9.78 8.98
CA CYS B 46 14.46 9.61 9.91
C CYS B 46 13.81 9.15 11.21
N THR B 47 14.48 8.31 11.98
CA THR B 47 13.86 7.85 13.22
C THR B 47 13.90 8.93 14.28
N HIS B 48 14.65 10.00 14.03
CA HIS B 48 14.80 11.08 15.00
C HIS B 48 13.88 12.29 14.74
N GLY B 49 13.09 12.23 13.68
CA GLY B 49 12.19 13.35 13.38
C GLY B 49 11.39 13.14 12.11
N ASP B 50 10.34 13.94 11.93
CA ASP B 50 9.52 13.82 10.73
C ASP B 50 10.27 14.55 9.63
N TRP B 51 11.25 13.84 9.04
CA TRP B 51 12.10 14.42 8.01
C TRP B 51 12.43 13.31 7.03
N SER B 52 12.23 13.57 5.75
CA SER B 52 12.44 12.57 4.71
C SER B 52 13.90 12.32 4.36
N LEU B 53 14.32 11.06 4.39
CA LEU B 53 15.70 10.72 4.04
C LEU B 53 15.90 10.73 2.51
N SER B 54 14.83 10.50 1.75
CA SER B 54 14.97 10.51 0.30
C SER B 54 14.94 11.93 -0.25
N ASP B 55 14.10 12.78 0.32
CA ASP B 55 13.97 14.17 -0.11
C ASP B 55 14.93 15.08 0.66
N GLY B 56 15.23 14.71 1.90
CA GLY B 56 16.13 15.48 2.74
C GLY B 56 17.26 14.62 3.30
N GLY B 57 17.88 13.84 2.42
CA GLY B 57 18.98 12.98 2.83
C GLY B 57 20.08 13.04 1.77
N TYR B 58 21.32 12.86 2.20
CA TYR B 58 22.45 12.85 1.29
C TYR B 58 23.03 11.44 1.34
N LEU B 59 23.09 10.76 0.20
CA LEU B 59 23.61 9.39 0.17
C LEU B 59 25.07 9.38 -0.27
N GLU B 60 25.93 8.81 0.57
CA GLU B 60 27.36 8.69 0.26
C GLU B 60 27.65 7.19 0.38
N GLY B 61 27.80 6.53 -0.75
CA GLY B 61 28.04 5.09 -0.73
C GLY B 61 26.73 4.47 -0.27
N ASP B 62 26.78 3.72 0.83
CA ASP B 62 25.60 3.09 1.39
C ASP B 62 25.14 3.73 2.70
N VAL B 63 25.60 4.95 2.96
CA VAL B 63 25.20 5.65 4.18
C VAL B 63 24.41 6.91 3.84
N VAL B 64 23.20 7.02 4.37
CA VAL B 64 22.38 8.20 4.12
C VAL B 64 22.46 9.13 5.34
N GLU B 65 22.60 10.43 5.06
CA GLU B 65 22.68 11.43 6.12
C GLU B 65 21.41 12.24 6.14
N CYS B 66 20.81 12.37 7.32
CA CYS B 66 19.60 13.16 7.49
C CYS B 66 20.06 14.60 7.47
N SER B 67 19.49 15.42 6.60
CA SER B 67 19.94 16.81 6.50
C SER B 67 19.47 17.74 7.62
N LEU B 68 18.59 17.27 8.49
CA LEU B 68 18.11 18.10 9.58
C LEU B 68 19.14 18.18 10.72
N HIS B 69 19.59 17.04 11.25
CA HIS B 69 20.59 17.08 12.32
C HIS B 69 21.84 16.25 12.01
N MET B 70 21.99 15.87 10.76
CA MET B 70 23.14 15.10 10.30
C MET B 70 23.32 13.68 10.84
N GLY B 71 22.23 13.09 11.32
CA GLY B 71 22.27 11.70 11.79
C GLY B 71 22.55 10.87 10.55
N LYS B 72 23.12 9.67 10.70
CA LYS B 72 23.40 8.84 9.53
C LYS B 72 22.97 7.40 9.76
N PHE B 73 22.54 6.73 8.69
CA PHE B 73 22.10 5.34 8.75
C PHE B 73 22.69 4.56 7.58
N CYS B 74 22.92 3.27 7.77
CA CYS B 74 23.39 2.41 6.68
C CYS B 74 22.10 2.00 5.97
N VAL B 75 22.00 2.23 4.65
CA VAL B 75 20.76 1.88 3.96
C VAL B 75 20.58 0.38 3.71
N ARG B 76 21.66 -0.39 3.85
CA ARG B 76 21.53 -1.84 3.65
C ARG B 76 20.91 -2.50 4.89
N THR B 77 21.20 -1.97 6.07
CA THR B 77 20.69 -2.59 7.31
C THR B 77 19.75 -1.71 8.11
N GLY B 78 19.73 -0.42 7.80
CA GLY B 78 18.93 0.51 8.55
C GLY B 78 19.60 0.96 9.84
N LYS B 79 20.72 0.34 10.20
CA LYS B 79 21.39 0.68 11.47
C LYS B 79 22.01 2.07 11.54
N VAL B 80 22.02 2.63 12.75
CA VAL B 80 22.56 3.95 12.96
C VAL B 80 24.07 3.99 12.81
N LYS B 81 24.56 4.97 12.03
CA LYS B 81 25.99 5.14 11.84
C LYS B 81 26.48 6.41 12.54
N SER B 82 25.54 7.32 12.84
CA SER B 82 25.88 8.55 13.55
C SER B 82 24.68 9.15 14.26
N PRO B 83 24.88 9.67 15.49
CA PRO B 83 23.77 10.29 16.22
C PRO B 83 23.44 11.57 15.45
N PRO B 84 22.38 12.28 15.87
CA PRO B 84 21.42 12.06 16.96
C PRO B 84 20.56 10.80 17.04
N PRO B 85 20.24 10.17 15.90
CA PRO B 85 19.40 8.97 15.99
C PRO B 85 19.93 7.91 16.91
N CYS B 86 19.02 7.20 17.56
CA CYS B 86 19.37 6.10 18.45
C CYS B 86 18.56 4.84 18.13
N GLU B 87 17.71 4.93 17.11
CA GLU B 87 16.88 3.80 16.68
C GLU B 87 17.17 3.53 15.21
N ALA B 88 17.29 2.27 14.87
CA ALA B 88 17.54 1.88 13.48
C ALA B 88 16.29 2.09 12.64
N LEU B 89 16.49 2.32 11.36
CA LEU B 89 15.39 2.44 10.43
C LEU B 89 14.81 1.04 10.19
N LYS B 90 13.51 0.96 9.98
CA LYS B 90 12.94 -0.33 9.58
C LYS B 90 13.37 -0.45 8.12
N ILE B 91 13.60 -1.67 7.66
CA ILE B 91 13.93 -1.90 6.27
C ILE B 91 12.78 -2.68 5.64
N PHE B 92 12.69 -2.67 4.32
CA PHE B 92 11.58 -3.32 3.64
C PHE B 92 12.06 -4.29 2.58
N PRO B 93 11.31 -5.38 2.37
CA PRO B 93 11.71 -6.35 1.35
C PRO B 93 11.56 -5.69 -0.01
N ILE B 94 12.57 -5.82 -0.85
CA ILE B 94 12.52 -5.23 -2.19
C ILE B 94 12.99 -6.23 -3.22
N ARG B 95 12.33 -6.26 -4.37
CA ARG B 95 12.67 -7.17 -5.45
C ARG B 95 12.75 -6.43 -6.77
N ILE B 96 13.55 -6.96 -7.68
CA ILE B 96 13.63 -6.38 -9.00
C ILE B 96 13.26 -7.50 -9.97
N GLU B 97 12.31 -7.20 -10.85
CA GLU B 97 11.87 -8.18 -11.86
C GLU B 97 12.06 -7.44 -13.17
N ASP B 98 13.18 -7.70 -13.84
CA ASP B 98 13.51 -7.00 -15.09
C ASP B 98 13.71 -5.54 -14.71
N ASN B 99 12.84 -4.64 -15.17
CA ASN B 99 13.01 -3.25 -14.80
C ASN B 99 11.98 -2.76 -13.79
N ASP B 100 11.15 -3.68 -13.30
CA ASP B 100 10.15 -3.35 -12.27
C ASP B 100 10.77 -3.49 -10.88
N VAL B 101 10.47 -2.53 -10.00
CA VAL B 101 10.93 -2.58 -8.61
C VAL B 101 9.69 -2.85 -7.78
N LEU B 102 9.74 -3.85 -6.90
CA LEU B 102 8.59 -4.20 -6.05
C LEU B 102 8.95 -4.20 -4.58
N VAL B 103 8.00 -3.79 -3.74
CA VAL B 103 8.18 -3.78 -2.29
C VAL B 103 6.91 -4.31 -1.66
N ASP B 104 7.01 -4.80 -0.43
CA ASP B 104 5.81 -5.22 0.31
C ASP B 104 5.73 -4.18 1.43
N PHE B 105 4.79 -3.25 1.31
CA PHE B 105 4.65 -2.18 2.30
C PHE B 105 4.22 -2.64 3.69
N GLU B 106 3.67 -3.84 3.79
CA GLU B 106 3.23 -4.36 5.08
C GLU B 106 4.29 -5.20 5.76
N ALA B 107 5.45 -5.33 5.13
CA ALA B 107 6.50 -6.19 5.69
C ALA B 107 7.77 -5.52 6.23
N GLY B 108 7.67 -4.26 6.62
CA GLY B 108 8.81 -3.56 7.18
C GLY B 108 9.27 -4.26 8.44
N TYR B 109 10.58 -4.32 8.64
CA TYR B 109 11.12 -5.00 9.82
C TYR B 109 12.44 -4.40 10.25
N LEU B 110 12.90 -4.78 11.43
CA LEU B 110 14.19 -4.30 11.90
C LEU B 110 15.23 -5.39 11.63
N ALA B 111 16.39 -5.00 11.12
CA ALA B 111 17.44 -5.97 10.86
C ALA B 111 17.86 -6.55 12.20
N PRO B 112 18.29 -7.83 12.22
CA PRO B 112 18.73 -8.45 13.47
C PRO B 112 19.90 -7.66 14.06
FE1 FES C . -12.59 9.70 -3.26
FE2 FES C . -11.60 12.17 -3.29
S1 FES C . -12.29 11.05 -1.57
S2 FES C . -11.97 10.86 -5.04
C1 GOL D . 1.98 1.97 -4.23
O1 GOL D . 2.81 1.59 -5.34
C2 GOL D . 1.24 3.29 -4.57
O2 GOL D . 0.50 3.78 -3.48
C3 GOL D . 0.26 3.12 -5.76
O3 GOL D . -0.79 2.26 -5.43
C1 GOL E . -14.33 -15.07 -4.56
O1 GOL E . -12.94 -14.58 -4.45
C2 GOL E . -14.69 -15.20 -6.07
O2 GOL E . -14.61 -13.97 -6.78
C3 GOL E . -16.10 -15.78 -6.29
O3 GOL E . -17.15 -14.97 -5.75
FE1 FES F . 17.14 13.12 11.36
FE2 FES F . 17.26 14.51 13.62
S1 FES F . 15.54 14.28 12.31
S2 FES F . 18.88 13.41 12.65
C1 GOL G . 18.76 -5.76 -6.35
O1 GOL G . 18.50 -4.33 -6.50
C2 GOL G . 18.42 -6.23 -4.91
O2 GOL G . 17.02 -6.22 -4.61
C3 GOL G . 19.15 -5.39 -3.84
O3 GOL G . 18.54 -5.47 -2.59
#